data_5COF
#
_entry.id   5COF
#
_cell.length_a   46.860
_cell.length_b   48.160
_cell.length_c   80.220
_cell.angle_alpha   90.00
_cell.angle_beta   90.00
_cell.angle_gamma   90.00
#
_symmetry.space_group_name_H-M   'P 21 21 21'
#
loop_
_entity.id
_entity.type
_entity.pdbx_description
1 polymer 'Uncharacterized protein'
2 non-polymer (4S)-2-METHYL-2,4-PENTANEDIOL
3 non-polymer 'CHLORIDE ION'
4 non-polymer 'CALCIUM ION'
5 non-polymer 'SODIUM ION'
6 water water
#
_entity_poly.entity_id   1
_entity_poly.type   'polypeptide(L)'
_entity_poly.pdbx_seq_one_letter_code
;S(MSE)SVPQTKAELLLAIDKNFSKLISYLNTIPPEITSDKS(MSE)DGHAKGTE(MSE)SVRDLVSYLLGWNALVVKWI
ASDAKGLPVDFPETGYKWNQLGLLAQKFYSDYSELSYELLVAELQTVKNEIVNLINDRTDDILYGRPWYTKWT(MSE)GR
(MSE)ISFNTSSPYANANGRLRKWAKNNNISLK
;
_entity_poly.pdbx_strand_id   A
#
# COMPACT_ATOMS: atom_id res chain seq x y z
N SER A 1 4.15 3.42 18.45
CA SER A 1 4.82 4.73 18.61
C SER A 1 4.41 5.62 17.47
N SER A 3 6.46 6.52 15.33
CA SER A 3 7.20 5.96 14.21
C SER A 3 6.51 4.76 13.57
N VAL A 4 6.14 3.77 14.41
CA VAL A 4 5.63 2.48 13.94
C VAL A 4 4.50 2.07 14.87
N PRO A 5 3.29 1.75 14.31
CA PRO A 5 2.21 1.38 15.21
C PRO A 5 2.59 0.16 16.08
N GLN A 6 2.12 0.15 17.32
CA GLN A 6 2.44 -0.92 18.27
C GLN A 6 1.20 -1.55 18.91
N THR A 7 0.01 -1.08 18.53
CA THR A 7 -1.27 -1.60 19.02
C THR A 7 -2.27 -1.58 17.88
N LYS A 8 -3.33 -2.38 18.02
CA LYS A 8 -4.41 -2.38 17.05
C LYS A 8 -4.98 -0.97 16.84
N ALA A 9 -5.19 -0.24 17.94
CA ALA A 9 -5.74 1.11 17.81
C ALA A 9 -4.79 2.02 17.05
N GLU A 10 -3.50 1.93 17.32
CA GLU A 10 -2.54 2.77 16.64
C GLU A 10 -2.46 2.43 15.16
N LEU A 11 -2.57 1.15 14.84
CA LEU A 11 -2.54 0.68 13.46
C LEU A 11 -3.74 1.22 12.67
N LEU A 12 -4.93 1.09 13.24
CA LEU A 12 -6.12 1.62 12.61
C LEU A 12 -6.03 3.14 12.44
N LEU A 13 -5.48 3.83 13.43
CA LEU A 13 -5.33 5.27 13.34
C LEU A 13 -4.38 5.68 12.22
N ALA A 14 -3.23 5.03 12.14
CA ALA A 14 -2.23 5.35 11.12
C ALA A 14 -2.78 5.07 9.73
N ILE A 15 -3.44 3.94 9.56
CA ILE A 15 -4.11 3.66 8.29
C ILE A 15 -5.13 4.76 7.95
N ASP A 16 -5.98 5.09 8.91
CA ASP A 16 -7.06 6.03 8.64
C ASP A 16 -6.48 7.39 8.30
N LYS A 17 -5.56 7.86 9.12
CA LYS A 17 -4.99 9.19 8.91
C LYS A 17 -4.22 9.28 7.60
N ASN A 18 -3.34 8.31 7.38
CA ASN A 18 -2.47 8.39 6.22
C ASN A 18 -3.23 8.11 4.92
N PHE A 19 -4.16 7.17 4.95
CA PHE A 19 -4.96 6.90 3.75
C PHE A 19 -5.96 8.00 3.43
N SER A 20 -6.57 8.59 4.45
CA SER A 20 -7.51 9.70 4.22
CA SER A 20 -7.52 9.66 4.17
C SER A 20 -6.78 10.84 3.51
N LYS A 21 -5.56 11.13 3.94
CA LYS A 21 -4.77 12.16 3.30
C LYS A 21 -4.43 11.77 1.85
N LEU A 22 -3.96 10.54 1.66
CA LEU A 22 -3.60 10.06 0.34
C LEU A 22 -4.77 10.19 -0.64
N ILE A 23 -5.94 9.67 -0.23
CA ILE A 23 -7.10 9.66 -1.13
CA ILE A 23 -7.11 9.71 -1.11
C ILE A 23 -7.52 11.12 -1.41
N SER A 24 -7.40 12.01 -0.43
CA SER A 24 -7.71 13.44 -0.68
C SER A 24 -6.79 13.98 -1.77
N TYR A 25 -5.51 13.64 -1.73
CA TYR A 25 -4.56 14.06 -2.76
C TYR A 25 -4.90 13.42 -4.14
N LEU A 26 -5.14 12.11 -4.16
CA LEU A 26 -5.48 11.41 -5.40
C LEU A 26 -6.80 11.85 -6.04
N ASN A 27 -7.73 12.33 -5.23
CA ASN A 27 -8.97 12.89 -5.73
C ASN A 27 -8.82 14.34 -6.21
N THR A 28 -7.72 15.03 -5.88
CA THR A 28 -7.44 16.41 -6.26
C THR A 28 -6.70 16.52 -7.60
N ILE A 29 -5.79 15.59 -7.86
CA ILE A 29 -4.86 15.68 -8.99
C ILE A 29 -5.62 15.44 -10.28
N PRO A 30 -5.52 16.38 -11.27
CA PRO A 30 -6.23 16.13 -12.51
C PRO A 30 -5.79 14.78 -13.13
N PRO A 31 -6.75 13.88 -13.45
CA PRO A 31 -6.31 12.60 -14.01
CA PRO A 31 -6.32 12.60 -14.01
C PRO A 31 -5.50 12.76 -15.30
N GLU A 32 -5.71 13.85 -16.02
CA GLU A 32 -4.97 14.11 -17.26
C GLU A 32 -3.48 14.23 -17.07
N ILE A 33 -3.00 14.48 -15.85
CA ILE A 33 -1.55 14.62 -15.64
C ILE A 33 -0.93 13.45 -14.92
N THR A 34 -1.72 12.40 -14.68
CA THR A 34 -1.26 11.27 -13.90
C THR A 34 -0.37 10.27 -14.64
N SER A 35 -0.16 10.48 -15.94
CA SER A 35 0.79 9.67 -16.69
C SER A 35 2.12 10.38 -16.96
N ASP A 36 2.25 11.65 -16.61
CA ASP A 36 3.54 12.33 -16.76
C ASP A 36 4.57 11.64 -15.86
N LYS A 37 5.72 11.31 -16.40
CA LYS A 37 6.77 10.60 -15.64
C LYS A 37 7.64 11.64 -14.94
N SER A 38 7.01 12.45 -14.09
CA SER A 38 7.59 13.66 -13.54
C SER A 38 7.83 13.63 -12.04
N ASP A 40 10.00 11.99 -8.88
CA ASP A 40 11.18 11.23 -8.59
C ASP A 40 10.75 9.81 -8.21
N GLY A 41 11.48 8.82 -8.71
CA GLY A 41 11.16 7.44 -8.47
C GLY A 41 11.66 6.92 -7.14
N HIS A 42 11.50 5.62 -6.95
CA HIS A 42 11.97 4.98 -5.72
C HIS A 42 13.51 4.89 -5.67
N ALA A 43 14.12 4.32 -6.71
CA ALA A 43 15.58 4.34 -6.86
C ALA A 43 16.02 5.72 -7.30
N LYS A 44 17.05 6.25 -6.69
CA LYS A 44 17.51 7.59 -7.00
C LYS A 44 17.84 7.72 -8.49
N GLY A 45 17.38 8.80 -9.10
CA GLY A 45 17.65 9.07 -10.51
C GLY A 45 16.58 8.54 -11.44
N THR A 46 15.66 7.72 -10.95
CA THR A 46 14.55 7.26 -11.78
C THR A 46 13.39 8.25 -11.68
N GLU A 47 12.43 8.08 -12.57
CA GLU A 47 11.20 8.87 -12.56
C GLU A 47 10.00 7.96 -12.69
N SER A 49 5.32 8.13 -12.69
CA SER A 49 4.10 8.94 -12.73
C SER A 49 3.27 8.74 -11.48
N VAL A 50 2.26 9.60 -11.28
CA VAL A 50 1.31 9.39 -10.19
C VAL A 50 0.61 8.02 -10.33
N ARG A 51 0.19 7.69 -11.55
CA ARG A 51 -0.45 6.40 -11.78
C ARG A 51 0.48 5.26 -11.37
N ASP A 52 1.76 5.38 -11.70
CA ASP A 52 2.72 4.36 -11.32
C ASP A 52 2.78 4.24 -9.80
N LEU A 53 2.78 5.36 -9.09
CA LEU A 53 2.82 5.35 -7.64
C LEU A 53 1.61 4.61 -7.04
N VAL A 54 0.43 4.90 -7.58
CA VAL A 54 -0.76 4.19 -7.10
C VAL A 54 -0.61 2.68 -7.34
N SER A 55 -0.08 2.31 -8.50
CA SER A 55 0.16 0.91 -8.83
CA SER A 55 0.10 0.88 -8.79
C SER A 55 1.09 0.20 -7.82
N TYR A 56 2.14 0.91 -7.42
CA TYR A 56 3.07 0.36 -6.44
CA TYR A 56 3.09 0.42 -6.43
C TYR A 56 2.37 0.18 -5.09
N LEU A 57 1.62 1.17 -4.66
CA LEU A 57 0.88 1.04 -3.40
C LEU A 57 -0.10 -0.12 -3.44
N LEU A 58 -0.82 -0.23 -4.54
CA LEU A 58 -1.78 -1.31 -4.70
C LEU A 58 -1.08 -2.66 -4.57
N GLY A 59 0.05 -2.83 -5.23
CA GLY A 59 0.74 -4.10 -5.14
C GLY A 59 1.11 -4.50 -3.72
N TRP A 60 1.63 -3.58 -2.92
CA TRP A 60 2.00 -3.92 -1.54
C TRP A 60 0.76 -4.19 -0.70
N ASN A 61 -0.27 -3.39 -0.87
CA ASN A 61 -1.47 -3.57 -0.08
CA ASN A 61 -1.53 -3.58 -0.13
C ASN A 61 -2.17 -4.89 -0.46
N ALA A 62 -2.23 -5.20 -1.75
CA ALA A 62 -2.82 -6.48 -2.17
C ALA A 62 -2.02 -7.66 -1.62
N LEU A 63 -0.70 -7.52 -1.57
CA LEU A 63 0.18 -8.58 -1.10
C LEU A 63 -0.07 -8.89 0.35
N VAL A 64 -0.15 -7.89 1.21
CA VAL A 64 -0.35 -8.20 2.63
C VAL A 64 -1.75 -8.83 2.87
N VAL A 65 -2.74 -8.39 2.12
CA VAL A 65 -4.03 -9.03 2.20
C VAL A 65 -3.90 -10.51 1.77
N LYS A 66 -3.20 -10.78 0.67
CA LYS A 66 -3.03 -12.14 0.22
CA LYS A 66 -2.98 -12.14 0.20
C LYS A 66 -2.31 -13.00 1.28
N TRP A 67 -1.26 -12.48 1.92
CA TRP A 67 -0.57 -13.25 2.96
C TRP A 67 -1.54 -13.64 4.05
N ILE A 68 -2.28 -12.67 4.56
CA ILE A 68 -3.14 -12.92 5.72
C ILE A 68 -4.30 -13.84 5.33
N ALA A 69 -4.93 -13.56 4.19
CA ALA A 69 -6.09 -14.33 3.77
C ALA A 69 -5.72 -15.76 3.43
N SER A 70 -4.59 -15.94 2.75
CA SER A 70 -4.15 -17.27 2.38
CA SER A 70 -4.20 -17.30 2.38
C SER A 70 -3.77 -18.10 3.61
N ASP A 71 -3.03 -17.46 4.53
CA ASP A 71 -2.68 -18.11 5.80
C ASP A 71 -3.95 -18.54 6.54
N ALA A 72 -4.96 -17.67 6.57
CA ALA A 72 -6.22 -17.97 7.28
C ALA A 72 -6.98 -19.14 6.66
N LYS A 73 -6.74 -19.40 5.38
CA LYS A 73 -7.35 -20.54 4.67
C LYS A 73 -6.52 -21.81 4.81
N GLY A 74 -5.45 -21.75 5.59
CA GLY A 74 -4.61 -22.93 5.78
C GLY A 74 -3.67 -23.22 4.63
N LEU A 75 -3.33 -22.19 3.85
CA LEU A 75 -2.45 -22.35 2.70
C LEU A 75 -1.07 -21.87 3.08
N PRO A 76 -0.02 -22.43 2.47
CA PRO A 76 1.34 -21.96 2.72
C PRO A 76 1.51 -20.61 2.05
N VAL A 77 2.33 -19.75 2.63
CA VAL A 77 2.57 -18.40 2.12
C VAL A 77 4.05 -18.19 1.87
N ASP A 78 4.37 -17.70 0.67
CA ASP A 78 5.73 -17.29 0.34
C ASP A 78 5.90 -15.81 0.63
N PHE A 79 6.89 -15.48 1.45
CA PHE A 79 7.22 -14.09 1.77
C PHE A 79 8.58 -13.74 1.16
N PRO A 80 8.74 -12.56 0.57
CA PRO A 80 7.68 -11.56 0.38
C PRO A 80 6.67 -11.97 -0.69
N GLU A 81 7.11 -12.75 -1.67
CA GLU A 81 6.22 -13.23 -2.72
C GLU A 81 6.86 -14.46 -3.34
N THR A 82 6.05 -15.34 -3.93
CA THR A 82 6.54 -16.53 -4.61
C THR A 82 7.56 -16.10 -5.65
N GLY A 83 8.78 -16.63 -5.54
CA GLY A 83 9.82 -16.30 -6.49
C GLY A 83 10.72 -15.16 -6.13
N TYR A 84 10.48 -14.51 -4.99
CA TYR A 84 11.22 -13.32 -4.58
C TYR A 84 11.78 -13.48 -3.18
N LYS A 85 12.98 -12.96 -2.97
CA LYS A 85 13.56 -12.84 -1.66
C LYS A 85 13.40 -11.42 -1.14
N TRP A 86 13.67 -11.24 0.16
CA TRP A 86 13.53 -9.92 0.79
C TRP A 86 14.53 -8.88 0.33
N ASN A 87 15.59 -9.29 -0.36
CA ASN A 87 16.53 -8.34 -0.96
C ASN A 87 16.23 -8.07 -2.44
N GLN A 88 15.04 -8.45 -2.88
CA GLN A 88 14.57 -8.22 -4.26
C GLN A 88 13.30 -7.38 -4.30
N LEU A 89 13.14 -6.45 -3.36
CA LEU A 89 11.91 -5.67 -3.29
C LEU A 89 11.73 -4.69 -4.45
N GLY A 90 12.82 -4.19 -5.03
CA GLY A 90 12.73 -3.36 -6.23
C GLY A 90 12.23 -4.20 -7.39
N LEU A 91 12.79 -5.40 -7.55
CA LEU A 91 12.33 -6.32 -8.57
C LEU A 91 10.84 -6.67 -8.36
N LEU A 92 10.46 -6.92 -7.12
CA LEU A 92 9.06 -7.22 -6.81
C LEU A 92 8.16 -6.02 -7.17
N ALA A 93 8.58 -4.82 -6.80
CA ALA A 93 7.78 -3.63 -7.15
C ALA A 93 7.64 -3.51 -8.66
N GLN A 94 8.68 -3.90 -9.41
CA GLN A 94 8.57 -3.89 -10.87
C GLN A 94 7.60 -4.93 -11.42
N LYS A 95 7.38 -6.03 -10.69
CA LYS A 95 6.28 -6.95 -11.02
C LYS A 95 4.94 -6.23 -10.91
N PHE A 96 4.75 -5.44 -9.86
CA PHE A 96 3.51 -4.68 -9.73
C PHE A 96 3.36 -3.74 -10.92
N TYR A 97 4.44 -3.05 -11.26
CA TYR A 97 4.41 -2.12 -12.36
C TYR A 97 3.90 -2.83 -13.62
N SER A 98 4.45 -4.00 -13.93
CA SER A 98 4.00 -4.74 -15.10
CA SER A 98 4.00 -4.75 -15.11
C SER A 98 2.58 -5.29 -14.93
N ASP A 99 2.27 -5.85 -13.75
CA ASP A 99 0.93 -6.37 -13.41
C ASP A 99 -0.14 -5.34 -13.79
N TYR A 100 0.10 -4.08 -13.43
CA TYR A 100 -0.92 -3.03 -13.52
C TYR A 100 -0.68 -2.02 -14.63
N SER A 101 0.26 -2.28 -15.53
CA SER A 101 0.66 -1.28 -16.53
C SER A 101 -0.47 -0.80 -17.40
N GLU A 102 -1.44 -1.66 -17.68
CA GLU A 102 -2.55 -1.30 -18.58
C GLU A 102 -3.79 -0.81 -17.82
N LEU A 103 -3.73 -0.72 -16.50
CA LEU A 103 -4.86 -0.25 -15.73
CA LEU A 103 -4.87 -0.23 -15.72
C LEU A 103 -4.85 1.28 -15.68
N SER A 104 -6.01 1.87 -15.89
CA SER A 104 -6.19 3.31 -15.78
C SER A 104 -5.99 3.81 -14.35
N TYR A 105 -5.65 5.08 -14.24
CA TYR A 105 -5.57 5.75 -12.96
C TYR A 105 -6.86 5.56 -12.18
N GLU A 106 -8.01 5.80 -12.81
CA GLU A 106 -9.25 5.70 -12.07
C GLU A 106 -9.49 4.28 -11.52
N LEU A 107 -9.19 3.25 -12.31
CA LEU A 107 -9.38 1.87 -11.83
C LEU A 107 -8.39 1.53 -10.72
N LEU A 108 -7.16 2.03 -10.85
CA LEU A 108 -6.16 1.83 -9.80
C LEU A 108 -6.57 2.45 -8.47
N VAL A 109 -7.05 3.68 -8.52
CA VAL A 109 -7.46 4.32 -7.28
C VAL A 109 -8.61 3.55 -6.63
N ALA A 110 -9.57 3.11 -7.44
CA ALA A 110 -10.67 2.32 -6.93
C ALA A 110 -10.18 1.00 -6.32
N GLU A 111 -9.24 0.33 -6.98
CA GLU A 111 -8.75 -0.92 -6.45
CA GLU A 111 -8.71 -0.94 -6.47
C GLU A 111 -7.97 -0.72 -5.15
N LEU A 112 -7.23 0.37 -5.06
CA LEU A 112 -6.50 0.68 -3.84
C LEU A 112 -7.47 0.90 -2.67
N GLN A 113 -8.55 1.62 -2.93
CA GLN A 113 -9.58 1.81 -1.91
C GLN A 113 -10.16 0.45 -1.46
N THR A 114 -10.43 -0.43 -2.44
CA THR A 114 -10.97 -1.75 -2.12
C THR A 114 -10.03 -2.55 -1.22
N VAL A 115 -8.75 -2.62 -1.56
CA VAL A 115 -7.82 -3.43 -0.74
CA VAL A 115 -7.82 -3.41 -0.78
C VAL A 115 -7.55 -2.76 0.60
N LYS A 116 -7.59 -1.43 0.65
CA LYS A 116 -7.45 -0.75 1.95
C LYS A 116 -8.66 -1.11 2.82
N ASN A 117 -9.84 -1.12 2.23
CA ASN A 117 -11.03 -1.52 3.02
C ASN A 117 -10.89 -2.96 3.53
N GLU A 118 -10.34 -3.83 2.69
CA GLU A 118 -10.19 -5.21 3.11
CA GLU A 118 -10.13 -5.23 3.04
C GLU A 118 -9.18 -5.36 4.24
N ILE A 119 -8.08 -4.62 4.21
CA ILE A 119 -7.13 -4.71 5.32
CA ILE A 119 -7.13 -4.64 5.32
C ILE A 119 -7.74 -4.16 6.61
N VAL A 120 -8.52 -3.10 6.53
CA VAL A 120 -9.22 -2.64 7.72
C VAL A 120 -10.16 -3.72 8.26
N ASN A 121 -10.89 -4.38 7.37
CA ASN A 121 -11.75 -5.47 7.82
C ASN A 121 -10.98 -6.59 8.51
N LEU A 122 -9.85 -6.99 7.94
CA LEU A 122 -9.02 -8.01 8.55
C LEU A 122 -8.57 -7.61 9.96
N ILE A 123 -8.19 -6.35 10.11
CA ILE A 123 -7.76 -5.84 11.41
C ILE A 123 -8.91 -5.82 12.40
N ASN A 124 -10.06 -5.35 11.95
CA ASN A 124 -11.24 -5.27 12.82
C ASN A 124 -11.68 -6.62 13.35
N ASP A 125 -11.45 -7.68 12.56
CA ASP A 125 -11.80 -9.05 12.95
CA ASP A 125 -11.81 -9.05 12.91
C ASP A 125 -10.82 -9.70 13.89
N ARG A 126 -9.76 -8.99 14.27
CA ARG A 126 -8.68 -9.52 15.08
C ARG A 126 -8.55 -8.65 16.32
N THR A 127 -7.64 -9.02 17.18
CA THR A 127 -7.44 -8.34 18.45
C THR A 127 -6.01 -7.85 18.54
N ASP A 128 -5.76 -7.04 19.55
CA ASP A 128 -4.39 -6.61 19.80
CA ASP A 128 -4.39 -6.62 19.82
C ASP A 128 -3.46 -7.81 20.03
N ASP A 129 -3.92 -8.84 20.74
CA ASP A 129 -3.04 -9.98 20.99
C ASP A 129 -2.67 -10.70 19.68
N ILE A 130 -3.65 -10.91 18.79
CA ILE A 130 -3.37 -11.53 17.52
C ILE A 130 -2.41 -10.70 16.70
N LEU A 131 -2.64 -9.39 16.69
CA LEU A 131 -1.89 -8.50 15.80
C LEU A 131 -0.51 -8.15 16.34
N TYR A 132 -0.36 -8.01 17.65
CA TYR A 132 0.85 -7.47 18.26
C TYR A 132 1.39 -8.30 19.41
N GLY A 133 0.66 -9.33 19.83
CA GLY A 133 1.03 -10.08 21.03
C GLY A 133 2.05 -11.16 20.83
N ARG A 134 2.28 -11.58 19.60
CA ARG A 134 3.16 -12.70 19.32
C ARG A 134 3.67 -12.60 17.90
N PRO A 135 4.80 -13.25 17.61
CA PRO A 135 5.25 -13.32 16.20
C PRO A 135 4.25 -14.01 15.30
N TRP A 136 4.24 -13.63 14.03
CA TRP A 136 3.42 -14.24 12.98
C TRP A 136 4.28 -14.71 11.83
N TYR A 137 5.01 -13.78 11.21
CA TYR A 137 5.96 -14.13 10.16
C TYR A 137 7.36 -14.02 10.72
N THR A 138 8.02 -15.16 10.89
CA THR A 138 9.31 -15.27 11.57
C THR A 138 9.32 -14.43 12.86
N LYS A 139 10.16 -13.40 12.95
CA LYS A 139 10.25 -12.61 14.18
C LYS A 139 9.22 -11.49 14.28
N TRP A 140 8.45 -11.24 13.22
CA TRP A 140 7.61 -10.06 13.10
C TRP A 140 6.16 -10.34 13.39
N THR A 141 5.49 -9.40 14.05
CA THR A 141 4.06 -9.52 14.26
C THR A 141 3.26 -9.26 12.99
N GLY A 143 0.72 -7.29 12.82
CA GLY A 143 0.52 -5.86 12.80
C GLY A 143 1.66 -5.11 12.12
N ARG A 144 2.89 -5.48 12.44
CA ARG A 144 4.04 -4.85 11.76
C ARG A 144 4.05 -5.16 10.26
N ILE A 146 1.54 -5.60 8.49
CA ILE A 146 0.50 -4.76 7.91
C ILE A 146 0.98 -3.30 7.77
N SER A 147 1.47 -2.68 8.83
CA SER A 147 1.87 -1.29 8.70
C SER A 147 2.98 -1.10 7.67
N PHE A 148 3.89 -2.08 7.60
CA PHE A 148 5.01 -2.02 6.65
C PHE A 148 4.52 -1.91 5.21
N ASN A 149 3.33 -2.44 4.94
CA ASN A 149 2.78 -2.50 3.57
C ASN A 149 1.56 -1.64 3.34
N THR A 150 1.13 -0.88 4.35
CA THR A 150 -0.05 -0.02 4.24
C THR A 150 0.27 1.38 4.78
N SER A 151 0.13 1.62 6.08
CA SER A 151 0.25 2.96 6.61
C SER A 151 1.60 3.59 6.37
N SER A 152 2.68 2.82 6.45
CA SER A 152 4.02 3.41 6.23
C SER A 152 4.21 3.83 4.76
N PRO A 153 3.89 2.97 3.79
CA PRO A 153 3.95 3.42 2.40
C PRO A 153 2.96 4.51 2.06
N TYR A 154 1.78 4.53 2.68
CA TYR A 154 0.85 5.63 2.42
C TYR A 154 1.50 6.95 2.82
N ALA A 155 2.12 6.99 4.00
CA ALA A 155 2.76 8.24 4.47
C ALA A 155 3.91 8.65 3.58
N ASN A 156 4.70 7.69 3.11
CA ASN A 156 5.77 8.03 2.17
C ASN A 156 5.18 8.62 0.88
N ALA A 157 4.13 8.00 0.36
CA ALA A 157 3.47 8.49 -0.84
C ALA A 157 2.96 9.91 -0.65
N ASN A 158 2.39 10.18 0.51
CA ASN A 158 1.90 11.52 0.80
C ASN A 158 3.00 12.55 0.73
N GLY A 159 4.16 12.23 1.28
CA GLY A 159 5.29 13.15 1.24
C GLY A 159 5.77 13.36 -0.19
N ARG A 160 5.82 12.27 -0.97
CA ARG A 160 6.23 12.38 -2.38
C ARG A 160 5.25 13.25 -3.18
N LEU A 161 3.97 13.06 -2.94
CA LEU A 161 2.94 13.84 -3.62
C LEU A 161 3.01 15.32 -3.24
N ARG A 162 3.25 15.63 -1.96
CA ARG A 162 3.41 17.03 -1.58
C ARG A 162 4.58 17.70 -2.29
N LYS A 163 5.70 17.01 -2.35
CA LYS A 163 6.89 17.56 -3.02
C LYS A 163 6.61 17.78 -4.52
N TRP A 164 6.03 16.78 -5.15
CA TRP A 164 5.74 16.83 -6.58
C TRP A 164 4.70 17.88 -6.92
N ALA A 165 3.68 18.00 -6.09
CA ALA A 165 2.59 18.93 -6.39
C ALA A 165 3.12 20.37 -6.48
N LYS A 166 4.16 20.70 -5.72
CA LYS A 166 4.76 22.04 -5.80
C LYS A 166 5.29 22.44 -7.17
N ASN A 167 5.71 21.46 -7.99
CA ASN A 167 6.24 21.69 -9.36
C ASN A 167 5.23 21.39 -10.47
N ASN A 168 3.99 21.10 -10.11
CA ASN A 168 2.97 20.65 -11.06
C ASN A 168 1.66 21.35 -10.89
N ASN A 169 1.76 22.60 -10.47
CA ASN A 169 0.59 23.48 -10.40
C ASN A 169 -0.56 22.98 -9.52
N ILE A 170 -0.26 22.19 -8.47
CA ILE A 170 -1.34 21.60 -7.66
C ILE A 170 -1.17 22.04 -6.26
N SER A 171 -2.26 22.54 -5.64
CA SER A 171 -2.20 23.01 -4.25
C SER A 171 -2.40 21.89 -3.21
N LEU A 172 -3.37 21.01 -3.43
CA LEU A 172 -3.69 19.87 -2.51
C LEU A 172 -4.46 20.33 -1.28
#